data_5UGL
#
_entry.id   5UGL
#
_cell.length_a   67.215
_cell.length_b   78.786
_cell.length_c   116.544
_cell.angle_alpha   90.00
_cell.angle_beta   90.00
_cell.angle_gamma   90.00
#
_symmetry.space_group_name_H-M   'P 21 21 21'
#
loop_
_entity.id
_entity.type
_entity.pdbx_description
1 polymer 'Fibroblast growth factor receptor 2'
2 non-polymer 'SULFATE ION'
3 non-polymer 'PHOSPHOAMINOPHOSPHONIC ACID-ADENYLATE ESTER'
4 water water
#
_entity_poly.entity_id   1
_entity_poly.type   'polypeptide(L)'
_entity_poly.pdbx_seq_one_letter_code
;MGSSHHHHHHSQDPMLAGVSEYELPEDPKWEFPRDKLTLGKPLGEGAFGQVVMAEAVGIDKDKPKEAVTVAVKMLKDDAT
EKDLSDLVSEMEMMKMIGKHKNIINLLGACTQDGPLYVIVEYASKGNLREYLRARRPPGMEYSYDINRVPEEQMTFKDLV
SCTYQLARGMEYLASQKCIHRDLAARNVLVTENNVMKIADFGLARVINNIDYYKKTTNGRLPVKWMAPEALFDRVYTHQS
DVWSFGVLMWEIFTLGGSPYPGIPVEELFKLLKEGHRMDKPANCTNELYMMMRDCWHAVPSQRPTFKQLVEDLDRILTLT
TNEE
;
_entity_poly.pdbx_strand_id   B,A
#
loop_
_chem_comp.id
_chem_comp.type
_chem_comp.name
_chem_comp.formula
ANP non-polymer 'PHOSPHOAMINOPHOSPHONIC ACID-ADENYLATE ESTER' 'C10 H17 N6 O12 P3'
SO4 non-polymer 'SULFATE ION' 'O4 S -2'
#
# COMPACT_ATOMS: atom_id res chain seq x y z
N GLU A 23 1.23 23.63 7.98
CA GLU A 23 1.03 23.24 9.37
C GLU A 23 -0.33 22.56 9.57
N LEU A 24 -0.36 21.51 10.39
CA LEU A 24 -1.60 20.87 10.77
C LEU A 24 -2.33 21.71 11.83
N PRO A 25 -3.66 21.61 11.88
CA PRO A 25 -4.41 22.37 12.88
C PRO A 25 -4.03 21.91 14.28
N GLU A 26 -4.09 22.85 15.23
CA GLU A 26 -3.81 22.53 16.62
C GLU A 26 -5.02 21.93 17.31
N ASP A 27 -4.78 20.99 18.24
CA ASP A 27 -5.84 20.47 19.09
C ASP A 27 -5.21 20.17 20.44
N PRO A 28 -5.19 21.16 21.34
CA PRO A 28 -4.42 20.99 22.59
C PRO A 28 -4.85 19.83 23.46
N LYS A 29 -6.14 19.46 23.47
CA LYS A 29 -6.50 18.38 24.38
C LYS A 29 -5.87 17.05 24.00
N TRP A 30 -5.46 16.88 22.74
CA TRP A 30 -4.84 15.64 22.28
C TRP A 30 -3.33 15.76 22.06
N GLU A 31 -2.78 16.98 22.09
CA GLU A 31 -1.38 17.15 21.76
C GLU A 31 -0.51 16.61 22.89
N PHE A 32 0.55 15.89 22.51
CA PHE A 32 1.47 15.27 23.45
C PHE A 32 2.88 15.79 23.19
N PRO A 33 3.64 16.16 24.22
CA PRO A 33 4.97 16.76 23.99
C PRO A 33 5.93 15.75 23.36
N ARG A 34 6.58 16.18 22.28
CA ARG A 34 7.49 15.29 21.56
C ARG A 34 8.62 14.79 22.44
N ASP A 35 9.11 15.64 23.34
CA ASP A 35 10.23 15.26 24.20
C ASP A 35 9.85 14.20 25.23
N LYS A 36 8.58 13.93 25.45
CA LYS A 36 8.18 12.85 26.34
C LYS A 36 7.94 11.53 25.61
N LEU A 37 8.22 11.49 24.32
CA LEU A 37 8.02 10.29 23.51
C LEU A 37 9.37 9.80 23.02
N THR A 38 9.68 8.51 23.28
CA THR A 38 10.94 7.90 22.87
C THR A 38 10.61 6.72 21.97
N LEU A 39 11.02 6.82 20.70
CA LEU A 39 10.69 5.80 19.73
C LEU A 39 11.58 4.57 19.90
N GLY A 40 11.01 3.42 19.64
CA GLY A 40 11.72 2.16 19.75
C GLY A 40 11.63 1.38 18.46
N LYS A 41 11.38 0.08 18.60
CA LYS A 41 11.47 -0.84 17.47
C LYS A 41 10.29 -0.69 16.52
N PRO A 42 10.51 -0.97 15.23
CA PRO A 42 9.40 -1.03 14.28
C PRO A 42 8.43 -2.15 14.61
N LEU A 43 7.14 -1.89 14.42
CA LEU A 43 6.12 -2.89 14.67
C LEU A 43 5.47 -3.41 13.39
N GLY A 44 5.65 -2.72 12.28
CA GLY A 44 5.05 -3.13 11.02
C GLY A 44 4.88 -1.93 10.11
N GLU A 45 4.68 -2.23 8.82
CA GLU A 45 4.47 -1.17 7.86
C GLU A 45 3.57 -1.66 6.74
N GLY A 46 2.84 -0.72 6.16
CA GLY A 46 2.10 -0.98 4.95
C GLY A 46 2.69 -0.11 3.86
N ALA A 47 1.92 0.18 2.81
CA ALA A 47 2.36 1.10 1.78
C ALA A 47 1.85 2.51 2.02
N PHE A 48 1.20 2.76 3.16
CA PHE A 48 0.65 4.06 3.48
C PHE A 48 1.12 4.63 4.81
N GLY A 49 1.90 3.87 5.57
CA GLY A 49 2.40 4.34 6.84
C GLY A 49 3.20 3.24 7.52
N GLN A 50 3.70 3.55 8.71
CA GLN A 50 4.47 2.61 9.50
C GLN A 50 4.10 2.84 10.95
N VAL A 51 4.30 1.79 11.76
CA VAL A 51 3.97 1.79 13.19
C VAL A 51 5.22 1.42 13.96
N VAL A 52 5.51 2.17 15.03
CA VAL A 52 6.71 1.99 15.83
C VAL A 52 6.34 1.87 17.30
N MET A 53 7.06 1.02 18.03
CA MET A 53 6.89 0.94 19.48
C MET A 53 7.51 2.17 20.13
N ALA A 54 6.91 2.63 21.24
CA ALA A 54 7.45 3.81 21.89
C ALA A 54 7.08 3.83 23.37
N GLU A 55 7.80 4.68 24.08
CA GLU A 55 7.53 4.98 25.48
C GLU A 55 7.07 6.42 25.55
N ALA A 56 5.93 6.65 26.21
CA ALA A 56 5.30 7.96 26.33
C ALA A 56 5.19 8.26 27.82
N VAL A 57 5.98 9.21 28.29
CA VAL A 57 6.00 9.53 29.72
C VAL A 57 4.81 10.40 30.03
N GLY A 58 3.98 9.97 30.97
CA GLY A 58 2.89 10.80 31.45
C GLY A 58 1.68 10.86 30.56
N ILE A 59 1.60 10.02 29.52
CA ILE A 59 0.48 10.15 28.59
C ILE A 59 -0.83 9.68 29.22
N ASP A 60 -0.77 8.81 30.22
CA ASP A 60 -1.95 8.33 30.92
C ASP A 60 -2.10 9.13 32.22
N LYS A 61 -3.07 10.06 32.22
CA LYS A 61 -3.24 10.94 33.38
C LYS A 61 -3.78 10.22 34.61
N ASP A 62 -4.22 8.97 34.48
CA ASP A 62 -4.48 8.14 35.66
C ASP A 62 -3.20 7.69 36.32
N LYS A 63 -2.05 7.80 35.64
CA LYS A 63 -0.74 7.49 36.22
C LYS A 63 0.26 8.50 35.68
N PRO A 64 0.19 9.74 36.15
CA PRO A 64 0.88 10.84 35.45
C PRO A 64 2.40 10.77 35.52
N LYS A 65 2.97 9.91 36.36
CA LYS A 65 4.43 9.80 36.39
C LYS A 65 4.95 8.67 35.52
N GLU A 66 4.10 7.73 35.14
CA GLU A 66 4.56 6.49 34.52
C GLU A 66 4.84 6.67 33.03
N ALA A 67 5.87 5.96 32.57
CA ALA A 67 6.10 5.76 31.14
C ALA A 67 5.19 4.64 30.66
N VAL A 68 4.44 4.89 29.58
CA VAL A 68 3.51 3.92 29.03
C VAL A 68 4.07 3.42 27.71
N THR A 69 4.03 2.11 27.52
CA THR A 69 4.38 1.54 26.21
C THR A 69 3.22 1.77 25.25
N VAL A 70 3.50 2.38 24.11
CA VAL A 70 2.47 2.75 23.15
C VAL A 70 2.91 2.33 21.75
N ALA A 71 1.98 2.43 20.81
CA ALA A 71 2.29 2.31 19.40
C ALA A 71 2.15 3.69 18.77
N VAL A 72 3.02 4.00 17.80
CA VAL A 72 2.98 5.30 17.16
C VAL A 72 2.86 5.05 15.67
N LYS A 73 1.79 5.56 15.07
CA LYS A 73 1.65 5.53 13.61
C LYS A 73 2.20 6.81 13.01
N MET A 74 2.95 6.68 11.91
CA MET A 74 3.61 7.81 11.29
C MET A 74 3.76 7.57 9.79
N LEU A 75 4.20 8.62 9.09
CA LEU A 75 4.40 8.52 7.65
C LEU A 75 5.70 7.80 7.29
N LYS A 76 5.70 7.19 6.12
CA LYS A 76 6.90 6.59 5.57
C LYS A 76 7.68 7.63 4.78
N ASP A 77 8.90 7.20 4.42
CA ASP A 77 9.82 8.00 3.64
C ASP A 77 9.23 8.41 2.30
N ASP A 78 8.48 7.49 1.68
CA ASP A 78 7.88 7.68 0.36
C ASP A 78 6.42 8.11 0.44
N ALA A 79 6.01 8.74 1.54
CA ALA A 79 4.63 9.14 1.73
C ALA A 79 4.19 10.13 0.66
N THR A 80 2.93 9.99 0.24
CA THR A 80 2.24 10.88 -0.66
C THR A 80 1.49 11.95 0.16
N GLU A 81 1.01 12.97 -0.54
CA GLU A 81 0.14 13.96 0.10
C GLU A 81 -1.11 13.29 0.65
N LYS A 82 -1.68 12.34 -0.11
CA LYS A 82 -2.86 11.63 0.34
C LYS A 82 -2.58 10.82 1.61
N ASP A 83 -1.39 10.21 1.69
CA ASP A 83 -1.02 9.48 2.91
C ASP A 83 -1.12 10.39 4.12
N LEU A 84 -0.65 11.64 3.99
CA LEU A 84 -0.70 12.55 5.12
C LEU A 84 -2.14 12.91 5.46
N SER A 85 -2.94 13.27 4.47
CA SER A 85 -4.34 13.59 4.76
C SER A 85 -5.09 12.38 5.33
N ASP A 86 -4.77 11.17 4.84
CA ASP A 86 -5.42 9.97 5.38
C ASP A 86 -5.05 9.76 6.85
N LEU A 87 -3.77 9.91 7.20
CA LEU A 87 -3.37 9.73 8.59
C LEU A 87 -4.04 10.76 9.49
N VAL A 88 -4.12 12.03 9.03
CA VAL A 88 -4.84 13.03 9.79
C VAL A 88 -6.30 12.62 9.96
N SER A 89 -6.94 12.15 8.88
CA SER A 89 -8.35 11.79 8.97
C SER A 89 -8.57 10.61 9.90
N GLU A 90 -7.66 9.62 9.86
CA GLU A 90 -7.74 8.50 10.79
C GLU A 90 -7.64 8.97 12.24
N MET A 91 -6.66 9.83 12.53
CA MET A 91 -6.56 10.39 13.87
C MET A 91 -7.86 11.10 14.28
N GLU A 92 -8.41 11.94 13.38
CA GLU A 92 -9.64 12.67 13.69
C GLU A 92 -10.81 11.73 13.94
N MET A 93 -10.90 10.64 13.18
CA MET A 93 -11.95 9.66 13.44
C MET A 93 -11.80 9.07 14.84
N MET A 94 -10.57 8.71 15.21
CA MET A 94 -10.34 8.14 16.53
C MET A 94 -10.63 9.13 17.66
N LYS A 95 -10.57 10.44 17.40
CA LYS A 95 -10.99 11.39 18.42
C LYS A 95 -12.48 11.32 18.71
N MET A 96 -13.29 10.82 17.79
CA MET A 96 -14.74 10.90 17.92
C MET A 96 -15.40 9.63 18.42
N ILE A 97 -14.71 8.49 18.45
CA ILE A 97 -15.44 7.23 18.59
C ILE A 97 -15.51 6.78 20.04
N GLY A 98 -15.21 7.69 20.97
CA GLY A 98 -15.28 7.32 22.36
C GLY A 98 -14.09 6.47 22.77
N LYS A 99 -14.28 5.67 23.82
CA LYS A 99 -13.26 4.82 24.40
C LYS A 99 -13.88 3.50 24.85
N HIS A 100 -13.23 2.38 24.52
CA HIS A 100 -13.80 1.08 24.87
C HIS A 100 -12.69 0.04 24.93
N LYS A 101 -12.89 -0.95 25.79
CA LYS A 101 -11.85 -1.97 25.97
C LYS A 101 -11.59 -2.73 24.69
N ASN A 102 -12.60 -2.91 23.84
CA ASN A 102 -12.42 -3.75 22.65
C ASN A 102 -12.23 -2.94 21.37
N ILE A 103 -11.70 -1.72 21.47
CA ILE A 103 -11.20 -1.00 20.31
C ILE A 103 -9.80 -0.49 20.64
N ILE A 104 -9.00 -0.26 19.62
CA ILE A 104 -7.73 0.43 19.82
C ILE A 104 -8.06 1.90 20.10
N ASN A 105 -7.59 2.43 21.22
CA ASN A 105 -7.95 3.79 21.61
C ASN A 105 -6.82 4.78 21.31
N LEU A 106 -7.19 5.96 20.84
CA LEU A 106 -6.22 7.04 20.66
C LEU A 106 -5.78 7.59 22.01
N LEU A 107 -4.47 7.80 22.16
CA LEU A 107 -3.90 8.32 23.39
C LEU A 107 -3.35 9.74 23.28
N GLY A 108 -2.94 10.15 22.09
CA GLY A 108 -2.39 11.48 21.91
C GLY A 108 -1.80 11.56 20.51
N ALA A 109 -1.24 12.73 20.22
CA ALA A 109 -0.68 12.98 18.91
C ALA A 109 0.38 14.06 19.02
N CYS A 110 1.39 13.95 18.18
CA CYS A 110 2.34 15.03 17.98
C CYS A 110 2.08 15.57 16.59
N THR A 111 1.50 16.76 16.50
CA THR A 111 1.08 17.31 15.22
C THR A 111 1.85 18.56 14.83
N GLN A 112 2.48 19.23 15.78
CA GLN A 112 3.09 20.53 15.54
C GLN A 112 4.60 20.39 15.39
N ASP A 113 5.16 21.10 14.42
CA ASP A 113 6.60 21.32 14.32
C ASP A 113 7.36 19.99 14.36
N GLY A 114 7.07 19.14 13.38
CA GLY A 114 7.73 17.87 13.27
C GLY A 114 6.83 16.84 12.60
N PRO A 115 7.31 15.61 12.48
CA PRO A 115 6.49 14.58 11.81
C PRO A 115 5.22 14.29 12.59
N LEU A 116 4.15 13.98 11.85
CA LEU A 116 2.89 13.62 12.49
C LEU A 116 3.05 12.26 13.16
N TYR A 117 2.79 12.22 14.48
CA TYR A 117 2.78 10.99 15.26
C TYR A 117 1.39 10.80 15.83
N VAL A 118 0.75 9.67 15.50
CA VAL A 118 -0.56 9.33 16.05
C VAL A 118 -0.34 8.23 17.07
N ILE A 119 -0.50 8.56 18.35
CA ILE A 119 -0.11 7.66 19.44
C ILE A 119 -1.33 6.86 19.89
N VAL A 120 -1.25 5.54 19.83
CA VAL A 120 -2.39 4.69 20.13
C VAL A 120 -1.98 3.55 21.07
N GLU A 121 -2.99 2.87 21.61
CA GLU A 121 -2.74 1.72 22.48
C GLU A 121 -1.91 0.65 21.77
N TYR A 122 -0.98 0.07 22.52
CA TYR A 122 -0.06 -0.93 21.99
C TYR A 122 -0.64 -2.32 22.21
N ALA A 123 -0.68 -3.11 21.14
CA ALA A 123 -1.17 -4.49 21.18
C ALA A 123 0.00 -5.41 20.84
N SER A 124 0.58 -6.05 21.84
CA SER A 124 1.85 -6.74 21.66
C SER A 124 1.74 -7.97 20.79
N LYS A 125 0.56 -8.55 20.64
CA LYS A 125 0.44 -9.82 19.92
C LYS A 125 0.02 -9.68 18.47
N GLY A 126 -0.04 -8.46 17.93
CA GLY A 126 -0.21 -8.28 16.50
C GLY A 126 -1.65 -8.41 16.05
N ASN A 127 -1.82 -8.55 14.73
CA ASN A 127 -3.17 -8.66 14.21
C ASN A 127 -3.72 -10.06 14.40
N LEU A 128 -5.05 -10.12 14.42
CA LEU A 128 -5.74 -11.37 14.73
C LEU A 128 -5.49 -12.44 13.66
N ARG A 129 -5.46 -12.06 12.39
CA ARG A 129 -5.25 -13.05 11.35
C ARG A 129 -3.96 -13.82 11.57
N GLU A 130 -2.85 -13.10 11.80
CA GLU A 130 -1.57 -13.76 12.07
C GLU A 130 -1.61 -14.51 13.40
N TYR A 131 -2.21 -13.90 14.42
CA TYR A 131 -2.34 -14.56 15.72
C TYR A 131 -3.03 -15.91 15.59
N LEU A 132 -4.12 -15.97 14.81
CA LEU A 132 -4.85 -17.22 14.63
C LEU A 132 -4.05 -18.19 13.77
N ARG A 133 -3.51 -17.72 12.65
CA ARG A 133 -2.72 -18.59 11.78
C ARG A 133 -1.52 -19.16 12.51
N ALA A 134 -0.97 -18.44 13.48
CA ALA A 134 0.15 -18.93 14.26
C ALA A 134 -0.25 -19.98 15.28
N ARG A 135 -1.53 -20.36 15.31
CA ARG A 135 -2.00 -21.37 16.24
C ARG A 135 -2.72 -22.50 15.50
N ARG A 136 -2.25 -22.79 14.28
CA ARG A 136 -2.78 -23.90 13.49
C ARG A 136 -1.94 -25.15 13.70
N PRO A 137 -2.52 -26.24 14.23
CA PRO A 137 -1.77 -27.50 14.35
C PRO A 137 -1.63 -28.24 13.02
N MET A 154 -5.76 -22.68 20.42
CA MET A 154 -7.11 -22.09 20.46
C MET A 154 -8.17 -23.12 20.77
N THR A 155 -8.79 -23.02 21.94
CA THR A 155 -9.98 -23.82 22.20
C THR A 155 -11.18 -23.21 21.50
N PHE A 156 -12.25 -23.99 21.39
CA PHE A 156 -13.50 -23.45 20.85
C PHE A 156 -14.01 -22.31 21.71
N LYS A 157 -13.95 -22.47 23.04
CA LYS A 157 -14.32 -21.39 23.95
C LYS A 157 -13.50 -20.13 23.66
N ASP A 158 -12.20 -20.29 23.41
CA ASP A 158 -11.38 -19.14 23.02
C ASP A 158 -11.93 -18.44 21.80
N LEU A 159 -12.35 -19.22 20.80
CA LEU A 159 -12.83 -18.61 19.55
C LEU A 159 -14.16 -17.90 19.74
N VAL A 160 -15.07 -18.49 20.53
CA VAL A 160 -16.31 -17.80 20.86
C VAL A 160 -16.04 -16.53 21.65
N SER A 161 -15.11 -16.60 22.62
CA SER A 161 -14.79 -15.40 23.41
C SER A 161 -14.22 -14.30 22.51
N CYS A 162 -13.34 -14.68 21.58
CA CYS A 162 -12.83 -13.74 20.60
CA CYS A 162 -12.83 -13.74 20.60
C CYS A 162 -13.97 -13.08 19.84
N THR A 163 -14.92 -13.88 19.37
CA THR A 163 -16.07 -13.36 18.64
C THR A 163 -16.90 -12.42 19.48
N TYR A 164 -17.11 -12.77 20.76
CA TYR A 164 -17.91 -11.96 21.66
C TYR A 164 -17.27 -10.61 21.91
N GLN A 165 -15.96 -10.58 22.18
CA GLN A 165 -15.28 -9.31 22.39
C GLN A 165 -15.41 -8.39 21.19
N LEU A 166 -15.31 -8.94 19.97
CA LEU A 166 -15.40 -8.11 18.78
C LEU A 166 -16.84 -7.69 18.50
N ALA A 167 -17.83 -8.55 18.78
CA ALA A 167 -19.22 -8.09 18.73
C ALA A 167 -19.43 -6.94 19.71
N ARG A 168 -18.83 -7.04 20.90
CA ARG A 168 -18.96 -5.97 21.89
C ARG A 168 -18.34 -4.67 21.39
N GLY A 169 -17.16 -4.78 20.76
CA GLY A 169 -16.55 -3.60 20.18
C GLY A 169 -17.43 -2.97 19.11
N MET A 170 -18.03 -3.79 18.24
CA MET A 170 -18.86 -3.24 17.18
C MET A 170 -20.16 -2.68 17.72
N GLU A 171 -20.75 -3.37 18.71
CA GLU A 171 -21.90 -2.81 19.42
C GLU A 171 -21.58 -1.42 19.94
N TYR A 172 -20.41 -1.27 20.60
CA TYR A 172 -20.04 0.05 21.10
C TYR A 172 -19.85 1.04 19.96
N LEU A 173 -19.12 0.64 18.91
CA LEU A 173 -18.90 1.54 17.78
C LEU A 173 -20.22 1.99 17.16
N ALA A 174 -21.17 1.07 16.97
CA ALA A 174 -22.46 1.43 16.40
C ALA A 174 -23.22 2.41 17.30
N SER A 175 -23.08 2.27 18.63
CA SER A 175 -23.70 3.22 19.53
C SER A 175 -23.07 4.60 19.41
N GLN A 176 -21.82 4.68 18.96
CA GLN A 176 -21.17 5.97 18.71
C GLN A 176 -21.43 6.49 17.31
N LYS A 177 -22.35 5.87 16.57
CA LYS A 177 -22.72 6.26 15.22
C LYS A 177 -21.58 6.08 14.23
N CYS A 178 -20.64 5.19 14.53
CA CYS A 178 -19.51 4.90 13.66
C CYS A 178 -19.76 3.64 12.84
N ILE A 179 -19.60 3.73 11.52
CA ILE A 179 -19.48 2.55 10.67
C ILE A 179 -18.01 2.34 10.35
N HIS A 180 -17.51 1.14 10.60
CA HIS A 180 -16.09 0.87 10.43
C HIS A 180 -15.71 0.76 8.95
N ARG A 181 -16.48 -0.03 8.19
CA ARG A 181 -16.39 -0.26 6.75
C ARG A 181 -15.23 -1.16 6.34
N ASP A 182 -14.34 -1.53 7.25
CA ASP A 182 -13.18 -2.35 6.90
C ASP A 182 -12.95 -3.42 7.96
N LEU A 183 -14.03 -4.01 8.49
CA LEU A 183 -13.89 -5.08 9.45
C LEU A 183 -13.29 -6.31 8.79
N ALA A 184 -12.27 -6.87 9.42
CA ALA A 184 -11.52 -8.04 8.93
C ALA A 184 -10.52 -8.42 10.00
N ALA A 185 -10.10 -9.70 9.98
CA ALA A 185 -9.18 -10.19 11.00
C ALA A 185 -7.89 -9.40 10.99
N ARG A 186 -7.43 -8.99 9.80
CA ARG A 186 -6.22 -8.18 9.70
C ARG A 186 -6.35 -6.84 10.41
N ASN A 187 -7.58 -6.37 10.66
CA ASN A 187 -7.81 -5.06 11.26
C ASN A 187 -8.25 -5.17 12.72
N VAL A 188 -7.98 -6.31 13.35
CA VAL A 188 -8.15 -6.51 14.78
C VAL A 188 -6.77 -6.76 15.38
N LEU A 189 -6.48 -6.13 16.50
CA LEU A 189 -5.20 -6.28 17.19
C LEU A 189 -5.40 -7.01 18.51
N VAL A 190 -4.37 -7.72 18.96
CA VAL A 190 -4.44 -8.59 20.14
C VAL A 190 -3.41 -8.10 21.16
N THR A 191 -3.86 -7.76 22.37
CA THR A 191 -2.96 -7.30 23.41
C THR A 191 -2.24 -8.48 24.07
N GLU A 192 -1.25 -8.14 24.91
CA GLU A 192 -0.52 -9.15 25.67
C GLU A 192 -1.47 -10.00 26.51
N ASN A 193 -2.57 -9.42 27.00
CA ASN A 193 -3.52 -10.16 27.81
C ASN A 193 -4.62 -10.80 26.96
N ASN A 194 -4.41 -10.91 25.65
CA ASN A 194 -5.34 -11.54 24.70
C ASN A 194 -6.66 -10.77 24.60
N VAL A 195 -6.61 -9.45 24.78
CA VAL A 195 -7.79 -8.62 24.58
C VAL A 195 -7.91 -8.31 23.10
N MET A 196 -9.09 -8.55 22.54
CA MET A 196 -9.34 -8.32 21.12
C MET A 196 -9.77 -6.86 20.91
N LYS A 197 -9.09 -6.16 20.00
CA LYS A 197 -9.33 -4.73 19.80
C LYS A 197 -9.52 -4.43 18.33
N ILE A 198 -10.69 -3.90 17.97
CA ILE A 198 -10.89 -3.39 16.62
C ILE A 198 -9.95 -2.21 16.38
N ALA A 199 -9.34 -2.19 15.20
CA ALA A 199 -8.31 -1.22 14.86
C ALA A 199 -8.55 -0.73 13.44
N ASP A 200 -7.58 0.04 12.92
CA ASP A 200 -7.55 0.51 11.54
C ASP A 200 -8.82 1.26 11.15
N PHE A 201 -8.97 2.46 11.75
CA PHE A 201 -10.13 3.31 11.55
C PHE A 201 -9.99 4.25 10.34
N GLY A 202 -9.04 3.98 9.44
CA GLY A 202 -8.79 4.88 8.32
C GLY A 202 -9.93 4.99 7.33
N LEU A 203 -10.84 4.00 7.27
CA LEU A 203 -11.96 4.04 6.34
C LEU A 203 -13.29 4.30 7.04
N ALA A 204 -13.29 4.43 8.35
CA ALA A 204 -14.51 4.56 9.12
C ALA A 204 -15.18 5.90 8.83
N ARG A 205 -16.50 5.95 9.06
CA ARG A 205 -17.27 7.17 8.92
C ARG A 205 -18.21 7.29 10.10
N VAL A 206 -18.61 8.52 10.41
CA VAL A 206 -19.67 8.77 11.38
C VAL A 206 -20.95 9.06 10.59
N ILE A 207 -22.03 8.36 10.93
CA ILE A 207 -23.31 8.52 10.25
C ILE A 207 -24.35 9.08 11.19
N GLY A 219 -15.72 1.40 -2.81
CA GLY A 219 -14.75 1.67 -3.86
C GLY A 219 -13.34 1.29 -3.45
N ARG A 220 -12.98 1.69 -2.22
CA ARG A 220 -11.68 1.38 -1.62
C ARG A 220 -11.81 0.38 -0.48
N LEU A 221 -12.87 -0.47 -0.49
CA LEU A 221 -13.08 -1.46 0.55
C LEU A 221 -12.80 -2.87 0.02
N PRO A 222 -12.08 -3.70 0.79
CA PRO A 222 -11.83 -5.08 0.35
C PRO A 222 -13.10 -5.80 -0.05
N VAL A 223 -13.16 -6.20 -1.32
CA VAL A 223 -14.39 -6.74 -1.91
C VAL A 223 -14.89 -7.95 -1.14
N LYS A 224 -13.97 -8.82 -0.69
CA LYS A 224 -14.41 -10.06 -0.08
C LYS A 224 -15.05 -9.86 1.30
N TRP A 225 -14.98 -8.66 1.88
CA TRP A 225 -15.62 -8.38 3.16
C TRP A 225 -16.83 -7.46 3.03
N MET A 226 -17.18 -7.01 1.82
CA MET A 226 -18.20 -5.98 1.63
C MET A 226 -19.58 -6.59 1.53
N ALA A 227 -20.54 -5.92 2.13
CA ALA A 227 -21.95 -6.27 1.92
C ALA A 227 -22.35 -5.98 0.48
N PRO A 228 -23.27 -6.79 -0.08
CA PRO A 228 -23.66 -6.59 -1.48
C PRO A 228 -24.16 -5.19 -1.79
N GLU A 229 -24.99 -4.63 -0.91
CA GLU A 229 -25.49 -3.28 -1.18
C GLU A 229 -24.38 -2.26 -1.11
N ALA A 230 -23.33 -2.52 -0.32
CA ALA A 230 -22.18 -1.64 -0.36
C ALA A 230 -21.45 -1.77 -1.69
N LEU A 231 -21.25 -3.02 -2.14
CA LEU A 231 -20.53 -3.30 -3.37
C LEU A 231 -21.25 -2.75 -4.59
N PHE A 232 -22.56 -2.96 -4.68
CA PHE A 232 -23.31 -2.59 -5.88
C PHE A 232 -23.96 -1.22 -5.79
N ASP A 233 -24.38 -0.77 -4.61
CA ASP A 233 -25.13 0.47 -4.48
C ASP A 233 -24.37 1.57 -3.74
N ARG A 234 -23.15 1.30 -3.28
CA ARG A 234 -22.34 2.29 -2.59
C ARG A 234 -23.08 2.88 -1.39
N VAL A 235 -23.87 2.06 -0.71
CA VAL A 235 -24.54 2.46 0.53
C VAL A 235 -23.93 1.67 1.68
N TYR A 236 -23.59 2.36 2.76
N TYR A 236 -23.63 2.37 2.78
CA TYR A 236 -23.02 1.69 3.92
CA TYR A 236 -22.96 1.80 3.96
C TYR A 236 -23.79 2.08 5.17
C TYR A 236 -23.80 2.11 5.19
N THR A 237 -24.22 1.07 5.91
CA THR A 237 -24.95 1.22 7.16
C THR A 237 -24.29 0.35 8.21
N HIS A 238 -24.82 0.40 9.44
CA HIS A 238 -24.39 -0.56 10.46
C HIS A 238 -24.64 -1.99 10.02
N GLN A 239 -25.70 -2.23 9.24
CA GLN A 239 -25.97 -3.59 8.80
C GLN A 239 -24.98 -4.08 7.75
N SER A 240 -24.37 -3.18 6.98
CA SER A 240 -23.28 -3.63 6.13
C SER A 240 -22.06 -4.04 6.96
N ASP A 241 -21.77 -3.30 8.05
CA ASP A 241 -20.75 -3.75 9.02
C ASP A 241 -21.09 -5.13 9.58
N VAL A 242 -22.39 -5.40 9.81
CA VAL A 242 -22.78 -6.71 10.32
C VAL A 242 -22.40 -7.80 9.32
N TRP A 243 -22.66 -7.55 8.03
CA TRP A 243 -22.21 -8.48 7.00
C TRP A 243 -20.71 -8.74 7.15
N SER A 244 -19.91 -7.67 7.21
CA SER A 244 -18.47 -7.84 7.38
C SER A 244 -18.17 -8.64 8.64
N PHE A 245 -18.93 -8.43 9.70
CA PHE A 245 -18.69 -9.19 10.92
C PHE A 245 -18.84 -10.69 10.66
N GLY A 246 -19.81 -11.07 9.82
CA GLY A 246 -19.98 -12.47 9.47
C GLY A 246 -18.76 -13.04 8.77
N VAL A 247 -18.16 -12.24 7.89
CA VAL A 247 -16.92 -12.68 7.27
C VAL A 247 -15.83 -12.84 8.32
N LEU A 248 -15.72 -11.87 9.24
CA LEU A 248 -14.74 -11.97 10.31
C LEU A 248 -14.95 -13.22 11.16
N MET A 249 -16.21 -13.53 11.50
CA MET A 249 -16.50 -14.79 12.18
C MET A 249 -15.90 -15.97 11.44
N TRP A 250 -16.06 -15.98 10.11
CA TRP A 250 -15.56 -17.08 9.29
C TRP A 250 -14.04 -17.15 9.34
N GLU A 251 -13.36 -16.00 9.28
CA GLU A 251 -11.92 -16.03 9.48
C GLU A 251 -11.57 -16.56 10.85
N ILE A 252 -12.36 -16.22 11.87
CA ILE A 252 -12.01 -16.61 13.23
C ILE A 252 -12.06 -18.13 13.36
N PHE A 253 -13.14 -18.73 12.90
CA PHE A 253 -13.34 -20.16 13.10
C PHE A 253 -12.61 -21.01 12.08
N THR A 254 -12.09 -20.42 11.00
CA THR A 254 -11.13 -21.09 10.13
C THR A 254 -9.70 -20.86 10.58
N LEU A 255 -9.51 -20.26 11.76
CA LEU A 255 -8.18 -19.98 12.29
C LEU A 255 -7.35 -19.18 11.30
N GLY A 256 -7.97 -18.16 10.70
CA GLY A 256 -7.26 -17.26 9.80
C GLY A 256 -7.32 -17.60 8.33
N GLY A 257 -8.35 -18.32 7.89
CA GLY A 257 -8.44 -18.67 6.49
C GLY A 257 -8.78 -17.48 5.62
N SER A 258 -8.56 -17.64 4.36
CA SER A 258 -8.85 -16.59 3.40
C SER A 258 -10.28 -16.75 2.90
N PRO A 259 -11.10 -15.70 2.93
CA PRO A 259 -12.50 -15.84 2.54
C PRO A 259 -12.68 -16.20 1.07
N TYR A 260 -13.82 -16.85 0.79
CA TYR A 260 -14.17 -17.39 -0.52
C TYR A 260 -12.98 -18.09 -1.17
N PRO A 261 -12.51 -19.20 -0.58
CA PRO A 261 -11.25 -19.80 -1.01
C PRO A 261 -11.33 -20.23 -2.47
N GLY A 262 -10.31 -19.84 -3.23
CA GLY A 262 -10.23 -20.20 -4.63
C GLY A 262 -11.16 -19.43 -5.54
N ILE A 263 -11.92 -18.47 -5.01
CA ILE A 263 -12.78 -17.63 -5.82
C ILE A 263 -12.09 -16.27 -5.96
N PRO A 264 -11.67 -15.86 -7.14
CA PRO A 264 -10.99 -14.57 -7.27
C PRO A 264 -11.99 -13.45 -7.07
N VAL A 265 -11.48 -12.33 -6.53
CA VAL A 265 -12.31 -11.14 -6.33
C VAL A 265 -13.08 -10.81 -7.60
N GLU A 266 -12.45 -11.00 -8.76
CA GLU A 266 -13.05 -10.65 -10.04
C GLU A 266 -14.39 -11.34 -10.26
N GLU A 267 -14.54 -12.57 -9.79
CA GLU A 267 -15.76 -13.35 -10.04
C GLU A 267 -16.77 -13.29 -8.90
N LEU A 268 -16.40 -12.69 -7.78
CA LEU A 268 -17.32 -12.63 -6.66
C LEU A 268 -18.47 -11.68 -6.95
N PHE A 269 -18.22 -10.62 -7.73
CA PHE A 269 -19.28 -9.71 -8.14
C PHE A 269 -20.49 -10.48 -8.66
N LYS A 270 -20.25 -11.39 -9.61
CA LYS A 270 -21.33 -12.17 -10.22
C LYS A 270 -21.92 -13.17 -9.22
N LEU A 271 -21.06 -13.88 -8.48
CA LEU A 271 -21.57 -14.93 -7.59
C LEU A 271 -22.39 -14.35 -6.45
N LEU A 272 -22.05 -13.17 -5.96
CA LEU A 272 -22.83 -12.57 -4.88
C LEU A 272 -24.25 -12.24 -5.34
N LYS A 273 -24.37 -11.66 -6.54
CA LYS A 273 -25.70 -11.35 -7.07
C LYS A 273 -26.59 -12.59 -7.13
N GLU A 274 -26.00 -13.75 -7.38
CA GLU A 274 -26.75 -14.99 -7.48
C GLU A 274 -26.97 -15.67 -6.13
N GLY A 275 -26.62 -15.00 -5.03
CA GLY A 275 -26.93 -15.52 -3.71
C GLY A 275 -25.91 -16.47 -3.12
N HIS A 276 -24.67 -16.45 -3.60
CA HIS A 276 -23.65 -17.35 -3.09
C HIS A 276 -23.24 -16.94 -1.67
N ARG A 277 -22.94 -17.94 -0.84
CA ARG A 277 -22.46 -17.75 0.53
C ARG A 277 -21.39 -18.77 0.82
N MET A 278 -20.48 -18.42 1.73
CA MET A 278 -19.39 -19.34 2.11
C MET A 278 -19.92 -20.56 2.85
N ASP A 279 -19.21 -21.66 2.71
CA ASP A 279 -19.52 -22.87 3.46
C ASP A 279 -19.23 -22.67 4.94
N LYS A 280 -19.63 -23.64 5.72
CA LYS A 280 -19.39 -23.63 7.16
C LYS A 280 -17.98 -24.13 7.46
N PRO A 281 -17.17 -23.39 8.22
CA PRO A 281 -15.86 -23.91 8.64
C PRO A 281 -16.02 -25.19 9.45
N ALA A 282 -14.91 -25.95 9.52
CA ALA A 282 -14.96 -27.27 10.14
C ALA A 282 -15.31 -27.21 11.61
N ASN A 283 -14.48 -26.57 12.42
CA ASN A 283 -14.67 -26.59 13.87
C ASN A 283 -15.74 -25.60 14.34
N CYS A 284 -16.57 -25.09 13.44
CA CYS A 284 -17.66 -24.20 13.79
C CYS A 284 -18.92 -25.03 13.99
N THR A 285 -19.68 -24.69 15.03
CA THR A 285 -20.95 -25.35 15.29
C THR A 285 -22.00 -24.86 14.30
N ASN A 286 -23.07 -25.66 14.13
CA ASN A 286 -24.14 -25.18 13.26
C ASN A 286 -24.84 -23.96 13.83
N GLU A 287 -24.80 -23.80 15.16
CA GLU A 287 -25.36 -22.61 15.77
C GLU A 287 -24.60 -21.36 15.32
N LEU A 288 -23.27 -21.40 15.45
CA LEU A 288 -22.44 -20.26 15.05
C LEU A 288 -22.39 -20.08 13.54
N TYR A 289 -22.60 -21.15 12.76
CA TYR A 289 -22.69 -20.97 11.32
C TYR A 289 -23.99 -20.28 10.94
N MET A 290 -25.10 -20.68 11.56
CA MET A 290 -26.35 -19.97 11.32
C MET A 290 -26.21 -18.50 11.68
N MET A 291 -25.42 -18.19 12.70
CA MET A 291 -25.13 -16.79 13.03
C MET A 291 -24.40 -16.09 11.88
N MET A 292 -23.37 -16.74 11.33
CA MET A 292 -22.72 -16.16 10.14
C MET A 292 -23.74 -15.93 9.04
N ARG A 293 -24.54 -16.96 8.71
CA ARG A 293 -25.50 -16.83 7.63
C ARG A 293 -26.52 -15.75 7.93
N ASP A 294 -26.90 -15.58 9.19
CA ASP A 294 -27.78 -14.46 9.56
C ASP A 294 -27.13 -13.14 9.20
N CYS A 295 -25.84 -12.97 9.54
CA CYS A 295 -25.12 -11.76 9.18
C CYS A 295 -25.07 -11.57 7.67
N TRP A 296 -25.15 -12.67 6.90
CA TRP A 296 -25.08 -12.60 5.45
C TRP A 296 -26.46 -12.59 4.78
N HIS A 297 -27.50 -12.21 5.51
CA HIS A 297 -28.84 -12.11 4.92
C HIS A 297 -28.84 -11.08 3.79
N ALA A 298 -29.54 -11.42 2.71
CA ALA A 298 -29.53 -10.56 1.52
C ALA A 298 -30.12 -9.18 1.80
N VAL A 299 -31.16 -9.11 2.63
CA VAL A 299 -31.85 -7.85 2.89
C VAL A 299 -31.23 -7.23 4.15
N PRO A 300 -30.55 -6.07 4.02
CA PRO A 300 -29.83 -5.52 5.19
C PRO A 300 -30.70 -5.32 6.42
N SER A 301 -31.91 -4.77 6.25
CA SER A 301 -32.79 -4.54 7.39
C SER A 301 -33.19 -5.84 8.11
N GLN A 302 -32.86 -7.00 7.54
CA GLN A 302 -33.18 -8.28 8.14
C GLN A 302 -32.00 -8.95 8.86
N ARG A 303 -30.78 -8.43 8.71
CA ARG A 303 -29.65 -8.98 9.46
C ARG A 303 -29.77 -8.66 10.95
N PRO A 304 -29.17 -9.48 11.81
CA PRO A 304 -29.12 -9.15 13.24
C PRO A 304 -28.34 -7.86 13.48
N THR A 305 -28.63 -7.23 14.62
CA THR A 305 -27.84 -6.10 15.09
C THR A 305 -26.71 -6.58 15.99
N PHE A 306 -25.73 -5.68 16.18
CA PHE A 306 -24.61 -6.03 17.04
C PHE A 306 -25.06 -6.28 18.47
N LYS A 307 -26.04 -5.51 18.93
CA LYS A 307 -26.61 -5.77 20.24
C LYS A 307 -27.19 -7.18 20.32
N GLN A 308 -27.89 -7.62 19.27
CA GLN A 308 -28.42 -8.98 19.28
C GLN A 308 -27.29 -10.01 19.25
N LEU A 309 -26.27 -9.77 18.42
CA LEU A 309 -25.13 -10.68 18.37
C LEU A 309 -24.46 -10.80 19.73
N VAL A 310 -24.31 -9.66 20.43
CA VAL A 310 -23.71 -9.69 21.75
C VAL A 310 -24.57 -10.52 22.70
N GLU A 311 -25.89 -10.39 22.59
CA GLU A 311 -26.79 -11.17 23.44
C GLU A 311 -26.68 -12.66 23.11
N ASP A 312 -26.75 -12.99 21.81
CA ASP A 312 -26.61 -14.39 21.41
C ASP A 312 -25.28 -14.97 21.84
N LEU A 313 -24.19 -14.21 21.68
CA LEU A 313 -22.88 -14.74 22.03
C LEU A 313 -22.72 -14.83 23.54
N ASP A 314 -23.31 -13.91 24.30
CA ASP A 314 -23.27 -14.02 25.76
C ASP A 314 -23.84 -15.36 26.20
N ARG A 315 -25.01 -15.71 25.68
CA ARG A 315 -25.67 -16.97 26.05
C ARG A 315 -24.84 -18.17 25.60
N ILE A 316 -24.41 -18.19 24.33
CA ILE A 316 -23.57 -19.28 23.86
C ILE A 316 -22.31 -19.39 24.71
N LEU A 317 -21.71 -18.26 25.07
CA LEU A 317 -20.44 -18.28 25.79
C LEU A 317 -20.60 -18.75 27.24
N THR A 318 -21.71 -18.44 27.90
CA THR A 318 -21.86 -18.88 29.28
C THR A 318 -22.02 -20.40 29.40
N LEU A 319 -22.59 -21.05 28.39
CA LEU A 319 -22.78 -22.50 28.45
C LEU A 319 -21.62 -23.28 27.84
N THR A 320 -20.42 -22.71 27.82
CA THR A 320 -19.25 -23.42 27.31
C THR A 320 -18.32 -23.91 28.42
N LEU B 24 -14.08 -7.88 -18.01
CA LEU B 24 -13.15 -7.02 -18.72
C LEU B 24 -13.24 -7.32 -20.21
N PRO B 25 -13.05 -6.31 -21.05
CA PRO B 25 -13.08 -6.55 -22.50
C PRO B 25 -11.86 -7.35 -22.94
N GLU B 26 -12.05 -8.16 -23.97
CA GLU B 26 -10.95 -8.95 -24.51
C GLU B 26 -10.07 -8.09 -25.42
N ASP B 27 -8.79 -8.41 -25.43
CA ASP B 27 -7.83 -7.79 -26.35
C ASP B 27 -6.99 -8.94 -26.87
N PRO B 28 -7.40 -9.56 -27.99
CA PRO B 28 -6.76 -10.82 -28.41
C PRO B 28 -5.27 -10.74 -28.66
N LYS B 29 -4.76 -9.60 -29.12
CA LYS B 29 -3.34 -9.51 -29.41
C LYS B 29 -2.47 -9.62 -28.17
N TRP B 30 -3.04 -9.35 -26.98
CA TRP B 30 -2.31 -9.48 -25.72
C TRP B 30 -2.70 -10.68 -24.87
N GLU B 31 -3.80 -11.36 -25.22
CA GLU B 31 -4.31 -12.41 -24.33
C GLU B 31 -3.41 -13.64 -24.38
N PHE B 32 -3.15 -14.24 -23.22
CA PHE B 32 -2.31 -15.42 -23.13
C PHE B 32 -3.09 -16.56 -22.48
N PRO B 33 -3.02 -17.79 -23.03
CA PRO B 33 -3.84 -18.90 -22.50
C PRO B 33 -3.43 -19.27 -21.08
N ARG B 34 -4.40 -19.33 -20.17
CA ARG B 34 -4.10 -19.61 -18.77
C ARG B 34 -3.40 -20.96 -18.60
N ASP B 35 -3.78 -21.95 -19.41
CA ASP B 35 -3.20 -23.28 -19.27
C ASP B 35 -1.72 -23.33 -19.64
N LYS B 36 -1.21 -22.32 -20.33
CA LYS B 36 0.21 -22.25 -20.62
C LYS B 36 0.97 -21.47 -19.55
N LEU B 37 0.32 -21.08 -18.46
CA LEU B 37 0.95 -20.31 -17.40
C LEU B 37 0.96 -21.13 -16.11
N THR B 38 2.13 -21.28 -15.49
CA THR B 38 2.30 -22.02 -14.24
C THR B 38 2.88 -21.08 -13.18
N LEU B 39 2.09 -20.78 -12.15
CA LEU B 39 2.53 -19.86 -11.12
C LEU B 39 3.52 -20.53 -10.19
N GLY B 40 4.48 -19.74 -9.72
CA GLY B 40 5.52 -20.22 -8.83
C GLY B 40 5.58 -19.37 -7.57
N LYS B 41 6.80 -19.08 -7.13
CA LYS B 41 6.93 -18.48 -5.82
C LYS B 41 6.57 -17.00 -5.83
N PRO B 42 6.04 -16.49 -4.71
CA PRO B 42 5.81 -15.04 -4.59
C PRO B 42 7.10 -14.25 -4.70
N LEU B 43 7.01 -13.09 -5.33
CA LEU B 43 8.15 -12.19 -5.47
C LEU B 43 8.04 -10.93 -4.62
N GLY B 44 6.86 -10.63 -4.11
CA GLY B 44 6.63 -9.42 -3.33
C GLY B 44 5.19 -8.99 -3.42
N GLU B 45 4.80 -8.10 -2.52
CA GLU B 45 3.44 -7.60 -2.52
C GLU B 45 3.44 -6.14 -2.10
N GLY B 46 2.49 -5.39 -2.65
CA GLY B 46 2.25 -4.02 -2.23
C GLY B 46 0.88 -3.85 -1.61
N ALA B 47 0.36 -2.63 -1.61
CA ALA B 47 -0.98 -2.37 -1.10
C ALA B 47 -2.02 -2.35 -2.20
N PHE B 48 -1.65 -2.65 -3.43
CA PHE B 48 -2.58 -2.69 -4.53
C PHE B 48 -2.53 -3.99 -5.32
N GLY B 49 -1.60 -4.90 -5.01
CA GLY B 49 -1.46 -6.13 -5.77
C GLY B 49 -0.31 -6.95 -5.24
N GLN B 50 -0.05 -8.07 -5.92
CA GLN B 50 1.07 -8.95 -5.58
C GLN B 50 1.69 -9.45 -6.87
N VAL B 51 2.95 -9.87 -6.79
CA VAL B 51 3.69 -10.32 -7.97
C VAL B 51 4.25 -11.71 -7.69
N VAL B 52 4.03 -12.64 -8.63
CA VAL B 52 4.53 -14.00 -8.50
C VAL B 52 5.34 -14.39 -9.74
N MET B 53 6.37 -15.19 -9.50
CA MET B 53 7.15 -15.79 -10.57
C MET B 53 6.32 -16.86 -11.27
N ALA B 54 6.56 -17.04 -12.56
CA ALA B 54 5.78 -18.03 -13.31
C ALA B 54 6.56 -18.50 -14.53
N GLU B 55 6.11 -19.63 -15.08
CA GLU B 55 6.59 -20.13 -16.35
C GLU B 55 5.47 -20.02 -17.38
N ALA B 56 5.79 -19.42 -18.51
CA ALA B 56 4.85 -19.12 -19.58
C ALA B 56 5.34 -19.81 -20.84
N VAL B 57 4.64 -20.87 -21.24
CA VAL B 57 5.04 -21.67 -22.40
C VAL B 57 4.62 -20.93 -23.66
N GLY B 58 5.57 -20.68 -24.56
CA GLY B 58 5.26 -20.11 -25.86
C GLY B 58 5.01 -18.61 -25.87
N ILE B 59 5.27 -17.91 -24.77
CA ILE B 59 4.93 -16.49 -24.76
C ILE B 59 5.92 -15.67 -25.59
N ASP B 60 7.13 -16.16 -25.78
CA ASP B 60 8.12 -15.46 -26.59
C ASP B 60 8.13 -16.13 -27.95
N LYS B 61 7.53 -15.47 -28.95
CA LYS B 61 7.40 -16.07 -30.28
C LYS B 61 8.74 -16.19 -31.00
N ASP B 62 9.81 -15.58 -30.49
CA ASP B 62 11.15 -15.88 -31.00
C ASP B 62 11.62 -17.26 -30.58
N LYS B 63 11.03 -17.82 -29.52
CA LYS B 63 11.34 -19.16 -29.02
C LYS B 63 10.02 -19.85 -28.71
N PRO B 64 9.23 -20.17 -29.72
CA PRO B 64 7.81 -20.52 -29.51
C PRO B 64 7.60 -21.85 -28.80
N LYS B 65 8.62 -22.70 -28.70
CA LYS B 65 8.47 -23.96 -27.99
C LYS B 65 8.83 -23.83 -26.52
N GLU B 66 9.44 -22.72 -26.11
CA GLU B 66 10.13 -22.63 -24.83
C GLU B 66 9.25 -22.03 -23.74
N ALA B 67 9.48 -22.50 -22.52
CA ALA B 67 8.94 -21.87 -21.34
C ALA B 67 9.83 -20.68 -20.98
N VAL B 68 9.20 -19.55 -20.72
CA VAL B 68 9.91 -18.33 -20.32
C VAL B 68 9.54 -18.03 -18.88
N THR B 69 10.55 -17.71 -18.08
CA THR B 69 10.27 -17.27 -16.71
C THR B 69 9.79 -15.83 -16.74
N VAL B 70 8.62 -15.58 -16.13
CA VAL B 70 8.01 -14.27 -16.17
C VAL B 70 7.59 -13.87 -14.76
N ALA B 71 7.18 -12.63 -14.62
CA ALA B 71 6.54 -12.14 -13.42
C ALA B 71 5.07 -11.88 -13.74
N VAL B 72 4.19 -12.18 -12.78
CA VAL B 72 2.76 -12.02 -12.98
C VAL B 72 2.23 -11.13 -11.86
N LYS B 73 1.66 -9.99 -12.23
CA LYS B 73 0.99 -9.12 -11.28
C LYS B 73 -0.51 -9.44 -11.22
N MET B 74 -1.05 -9.50 -10.00
CA MET B 74 -2.42 -9.93 -9.80
C MET B 74 -2.97 -9.28 -8.53
N LEU B 75 -4.27 -9.44 -8.31
CA LEU B 75 -4.89 -8.90 -7.11
C LEU B 75 -4.57 -9.75 -5.88
N LYS B 76 -4.57 -9.10 -4.72
CA LYS B 76 -4.47 -9.81 -3.46
C LYS B 76 -5.86 -10.25 -3.03
N ASP B 77 -5.93 -11.17 -2.05
CA ASP B 77 -7.25 -11.62 -1.62
C ASP B 77 -8.04 -10.47 -0.99
N ASP B 78 -7.37 -9.46 -0.42
CA ASP B 78 -8.08 -8.32 0.16
C ASP B 78 -8.22 -7.14 -0.82
N ALA B 79 -8.19 -7.41 -2.12
CA ALA B 79 -8.26 -6.34 -3.13
C ALA B 79 -9.57 -5.57 -3.05
N THR B 80 -9.47 -4.27 -3.32
CA THR B 80 -10.61 -3.39 -3.45
C THR B 80 -11.04 -3.31 -4.90
N GLU B 81 -12.23 -2.73 -5.13
CA GLU B 81 -12.65 -2.46 -6.50
C GLU B 81 -11.66 -1.54 -7.20
N LYS B 82 -11.16 -0.54 -6.47
CA LYS B 82 -10.19 0.40 -7.04
C LYS B 82 -8.89 -0.30 -7.43
N ASP B 83 -8.46 -1.29 -6.63
CA ASP B 83 -7.27 -2.05 -6.99
C ASP B 83 -7.44 -2.71 -8.35
N LEU B 84 -8.62 -3.24 -8.63
CA LEU B 84 -8.84 -3.91 -9.91
C LEU B 84 -8.79 -2.93 -11.06
N SER B 85 -9.50 -1.80 -10.91
CA SER B 85 -9.48 -0.78 -11.94
C SER B 85 -8.06 -0.25 -12.15
N ASP B 86 -7.29 -0.12 -11.07
CA ASP B 86 -5.91 0.35 -11.17
C ASP B 86 -5.02 -0.65 -11.92
N LEU B 87 -5.17 -1.93 -11.61
CA LEU B 87 -4.38 -2.94 -12.33
C LEU B 87 -4.75 -2.95 -13.80
N VAL B 88 -6.04 -2.85 -14.14
CA VAL B 88 -6.42 -2.77 -15.55
C VAL B 88 -5.77 -1.55 -16.21
N SER B 89 -5.84 -0.40 -15.52
CA SER B 89 -5.29 0.83 -16.06
C SER B 89 -3.78 0.73 -16.24
N GLU B 90 -3.09 0.08 -15.31
CA GLU B 90 -1.65 -0.15 -15.44
C GLU B 90 -1.32 -1.00 -16.67
N MET B 91 -2.06 -2.11 -16.85
CA MET B 91 -1.89 -2.92 -18.06
C MET B 91 -2.06 -2.11 -19.34
N GLU B 92 -3.14 -1.31 -19.40
CA GLU B 92 -3.42 -0.51 -20.60
C GLU B 92 -2.31 0.50 -20.88
N MET B 93 -1.78 1.14 -19.82
CA MET B 93 -0.65 2.05 -20.03
C MET B 93 0.53 1.30 -20.62
N MET B 94 0.82 0.10 -20.09
CA MET B 94 1.95 -0.65 -20.60
C MET B 94 1.74 -1.09 -22.05
N LYS B 95 0.49 -1.21 -22.51
CA LYS B 95 0.25 -1.47 -23.94
C LYS B 95 0.68 -0.30 -24.82
N MET B 96 0.74 0.91 -24.28
CA MET B 96 0.94 2.10 -25.09
C MET B 96 2.37 2.61 -25.12
N ILE B 97 3.25 2.12 -24.26
CA ILE B 97 4.53 2.80 -24.09
C ILE B 97 5.58 2.20 -25.01
N GLY B 98 5.16 1.37 -25.96
CA GLY B 98 6.15 0.79 -26.84
C GLY B 98 6.96 -0.28 -26.14
N LYS B 99 8.19 -0.48 -26.63
CA LYS B 99 9.05 -1.54 -26.12
C LYS B 99 10.48 -1.02 -26.05
N HIS B 100 11.16 -1.27 -24.94
CA HIS B 100 12.52 -0.73 -24.81
C HIS B 100 13.32 -1.57 -23.83
N LYS B 101 14.63 -1.64 -24.05
CA LYS B 101 15.47 -2.48 -23.20
C LYS B 101 15.46 -2.02 -21.75
N ASN B 102 15.31 -0.72 -21.51
CA ASN B 102 15.42 -0.16 -20.16
C ASN B 102 14.07 0.15 -19.51
N ILE B 103 13.00 -0.54 -19.93
CA ILE B 103 11.75 -0.56 -19.20
C ILE B 103 11.29 -2.01 -19.06
N ILE B 104 10.49 -2.26 -18.03
CA ILE B 104 9.84 -3.57 -17.89
C ILE B 104 8.76 -3.62 -18.97
N ASN B 105 8.80 -4.66 -19.80
CA ASN B 105 7.88 -4.72 -20.92
C ASN B 105 6.75 -5.71 -20.64
N LEU B 106 5.55 -5.35 -21.07
CA LEU B 106 4.41 -6.24 -20.96
C LEU B 106 4.56 -7.37 -21.96
N LEU B 107 4.26 -8.59 -21.51
CA LEU B 107 4.35 -9.78 -22.35
C LEU B 107 3.00 -10.38 -22.69
N GLY B 108 2.00 -10.18 -21.86
CA GLY B 108 0.69 -10.75 -22.12
C GLY B 108 -0.19 -10.56 -20.90
N ALA B 109 -1.41 -11.06 -21.03
CA ALA B 109 -2.37 -10.91 -19.95
C ALA B 109 -3.38 -12.04 -20.01
N CYS B 110 -3.88 -12.44 -18.86
CA CYS B 110 -5.04 -13.31 -18.77
C CYS B 110 -6.16 -12.46 -18.18
N THR B 111 -7.14 -12.10 -19.01
CA THR B 111 -8.18 -11.17 -18.61
C THR B 111 -9.56 -11.82 -18.56
N GLN B 112 -9.72 -12.97 -19.22
CA GLN B 112 -11.01 -13.64 -19.38
C GLN B 112 -11.10 -14.84 -18.44
N ASP B 113 -12.28 -15.09 -17.89
CA ASP B 113 -12.59 -16.35 -17.22
C ASP B 113 -11.54 -16.71 -16.16
N GLY B 114 -11.40 -15.81 -15.19
CA GLY B 114 -10.47 -16.04 -14.12
C GLY B 114 -9.90 -14.72 -13.61
N PRO B 115 -9.00 -14.81 -12.64
CA PRO B 115 -8.39 -13.59 -12.08
C PRO B 115 -7.53 -12.89 -13.12
N LEU B 116 -7.46 -11.55 -13.00
CA LEU B 116 -6.64 -10.77 -13.93
C LEU B 116 -5.17 -11.05 -13.66
N TYR B 117 -4.46 -11.49 -14.70
CA TYR B 117 -3.03 -11.70 -14.66
C TYR B 117 -2.37 -10.77 -15.68
N VAL B 118 -1.46 -9.91 -15.21
CA VAL B 118 -0.68 -9.01 -16.06
C VAL B 118 0.73 -9.56 -16.11
N ILE B 119 1.14 -10.10 -17.25
CA ILE B 119 2.38 -10.86 -17.39
C ILE B 119 3.47 -9.93 -17.94
N VAL B 120 4.56 -9.80 -17.19
CA VAL B 120 5.62 -8.86 -17.55
C VAL B 120 6.98 -9.55 -17.44
N GLU B 121 7.99 -8.90 -18.00
CA GLU B 121 9.37 -9.35 -17.90
C GLU B 121 9.79 -9.55 -16.44
N TYR B 122 10.51 -10.62 -16.20
CA TYR B 122 11.00 -11.00 -14.89
C TYR B 122 12.39 -10.41 -14.68
N ALA B 123 12.56 -9.70 -13.57
CA ALA B 123 13.84 -9.11 -13.19
C ALA B 123 14.31 -9.79 -11.89
N SER B 124 15.26 -10.71 -12.02
CA SER B 124 15.60 -11.60 -10.91
C SER B 124 16.29 -10.92 -9.74
N LYS B 125 16.90 -9.74 -9.96
CA LYS B 125 17.66 -9.08 -8.91
C LYS B 125 16.87 -8.02 -8.16
N GLY B 126 15.56 -7.92 -8.38
CA GLY B 126 14.71 -7.08 -7.53
C GLY B 126 14.76 -5.61 -7.88
N ASN B 127 14.21 -4.78 -6.98
CA ASN B 127 14.18 -3.36 -7.25
C ASN B 127 15.54 -2.73 -6.95
N LEU B 128 15.79 -1.58 -7.59
CA LEU B 128 17.11 -0.96 -7.52
C LEU B 128 17.46 -0.53 -6.11
N ARG B 129 16.50 0.00 -5.35
CA ARG B 129 16.82 0.48 -4.00
C ARG B 129 17.43 -0.65 -3.17
N GLU B 130 16.77 -1.80 -3.14
CA GLU B 130 17.32 -2.94 -2.39
C GLU B 130 18.60 -3.48 -3.01
N TYR B 131 18.66 -3.57 -4.35
CA TYR B 131 19.89 -3.99 -5.02
C TYR B 131 21.08 -3.15 -4.60
N LEU B 132 20.89 -1.84 -4.52
CA LEU B 132 21.98 -0.94 -4.12
C LEU B 132 22.28 -1.09 -2.62
N ARG B 133 21.25 -1.09 -1.78
CA ARG B 133 21.51 -1.23 -0.36
C ARG B 133 22.23 -2.54 -0.06
N ALA B 134 21.98 -3.58 -0.86
CA ALA B 134 22.63 -4.87 -0.69
C ALA B 134 24.03 -4.92 -1.27
N ARG B 135 24.53 -3.84 -1.87
CA ARG B 135 25.86 -3.83 -2.45
C ARG B 135 26.69 -2.68 -1.90
N ARG B 136 26.52 -2.39 -0.62
CA ARG B 136 27.26 -1.32 0.03
C ARG B 136 28.57 -1.84 0.64
N VAL B 149 26.63 -8.82 4.69
CA VAL B 149 27.55 -9.13 3.61
C VAL B 149 27.00 -8.66 2.25
N PRO B 150 27.76 -7.81 1.55
CA PRO B 150 27.30 -7.33 0.24
C PRO B 150 27.42 -8.38 -0.86
N GLU B 151 26.52 -8.27 -1.84
CA GLU B 151 26.53 -9.16 -3.01
C GLU B 151 27.78 -8.95 -3.85
N GLU B 152 28.10 -7.69 -4.14
CA GLU B 152 29.30 -7.29 -4.84
C GLU B 152 29.60 -5.87 -4.39
N GLN B 153 30.59 -5.24 -5.02
CA GLN B 153 30.87 -3.83 -4.79
C GLN B 153 30.51 -3.05 -6.05
N MET B 154 29.77 -1.97 -5.86
CA MET B 154 29.46 -1.07 -6.96
C MET B 154 30.70 -0.24 -7.28
N THR B 155 31.24 -0.40 -8.47
CA THR B 155 32.24 0.55 -8.90
C THR B 155 31.55 1.85 -9.30
N PHE B 156 32.34 2.92 -9.38
CA PHE B 156 31.79 4.19 -9.84
C PHE B 156 31.25 4.05 -11.27
N LYS B 157 31.98 3.31 -12.11
CA LYS B 157 31.50 3.02 -13.46
C LYS B 157 30.11 2.35 -13.43
N ASP B 158 29.91 1.40 -12.51
CA ASP B 158 28.61 0.75 -12.40
C ASP B 158 27.51 1.78 -12.14
N LEU B 159 27.77 2.74 -11.26
CA LEU B 159 26.73 3.69 -10.89
C LEU B 159 26.39 4.61 -12.04
N VAL B 160 27.41 5.09 -12.76
CA VAL B 160 27.20 5.91 -13.95
C VAL B 160 26.45 5.13 -15.02
N SER B 161 26.79 3.85 -15.21
CA SER B 161 26.10 3.04 -16.21
C SER B 161 24.62 2.91 -15.85
N CYS B 162 24.35 2.56 -14.58
CA CYS B 162 22.98 2.50 -14.09
C CYS B 162 22.24 3.81 -14.37
N THR B 163 22.88 4.95 -14.06
CA THR B 163 22.27 6.23 -14.36
C THR B 163 22.04 6.39 -15.86
N TYR B 164 23.00 5.97 -16.66
CA TYR B 164 22.89 6.13 -18.10
C TYR B 164 21.70 5.34 -18.65
N GLN B 165 21.59 4.07 -18.23
CA GLN B 165 20.48 3.23 -18.68
C GLN B 165 19.13 3.83 -18.34
N LEU B 166 19.00 4.40 -17.15
CA LEU B 166 17.71 4.96 -16.74
C LEU B 166 17.41 6.28 -17.46
N ALA B 167 18.42 7.11 -17.74
CA ALA B 167 18.17 8.25 -18.61
C ALA B 167 17.71 7.79 -20.00
N ARG B 168 18.30 6.72 -20.51
CA ARG B 168 17.89 6.17 -21.81
C ARG B 168 16.43 5.69 -21.75
N GLY B 169 16.07 5.02 -20.67
CA GLY B 169 14.69 4.59 -20.54
C GLY B 169 13.73 5.77 -20.51
N MET B 170 14.10 6.82 -19.77
CA MET B 170 13.21 7.97 -19.64
C MET B 170 13.17 8.77 -20.93
N GLU B 171 14.31 8.89 -21.61
CA GLU B 171 14.32 9.50 -22.93
C GLU B 171 13.32 8.81 -23.83
N TYR B 172 13.32 7.47 -23.84
CA TYR B 172 12.38 6.71 -24.66
C TYR B 172 10.94 6.96 -24.23
N LEU B 173 10.67 6.89 -22.93
CA LEU B 173 9.31 7.12 -22.46
C LEU B 173 8.81 8.50 -22.88
N ALA B 174 9.67 9.53 -22.72
CA ALA B 174 9.26 10.87 -23.12
C ALA B 174 9.02 10.96 -24.62
N SER B 175 9.78 10.22 -25.43
CA SER B 175 9.51 10.20 -26.87
C SER B 175 8.17 9.56 -27.18
N GLN B 176 7.69 8.68 -26.30
CA GLN B 176 6.37 8.08 -26.46
C GLN B 176 5.27 8.91 -25.82
N LYS B 177 5.59 10.14 -25.41
CA LYS B 177 4.64 11.07 -24.79
C LYS B 177 4.08 10.55 -23.47
N CYS B 178 4.89 9.79 -22.74
CA CYS B 178 4.54 9.23 -21.44
C CYS B 178 5.26 10.00 -20.34
N ILE B 179 4.50 10.51 -19.37
CA ILE B 179 5.09 11.00 -18.11
C ILE B 179 4.86 9.92 -17.05
N HIS B 180 5.95 9.52 -16.39
CA HIS B 180 5.91 8.40 -15.45
C HIS B 180 5.27 8.82 -14.13
N ARG B 181 5.71 9.95 -13.59
CA ARG B 181 5.21 10.61 -12.39
C ARG B 181 5.62 9.91 -11.11
N ASP B 182 6.26 8.74 -11.17
CA ASP B 182 6.63 8.03 -9.96
C ASP B 182 8.02 7.41 -10.11
N LEU B 183 8.94 8.15 -10.73
CA LEU B 183 10.31 7.67 -10.89
C LEU B 183 11.02 7.69 -9.53
N ALA B 184 11.68 6.58 -9.20
CA ALA B 184 12.33 6.37 -7.92
C ALA B 184 13.01 5.02 -7.97
N ALA B 185 14.02 4.83 -7.11
CA ALA B 185 14.78 3.59 -7.14
C ALA B 185 13.91 2.38 -6.84
N ARG B 186 12.91 2.51 -5.96
CA ARG B 186 12.02 1.40 -5.66
C ARG B 186 11.23 0.96 -6.89
N ASN B 187 11.11 1.83 -7.90
CA ASN B 187 10.34 1.57 -9.12
C ASN B 187 11.25 1.29 -10.32
N VAL B 188 12.50 0.93 -10.06
CA VAL B 188 13.41 0.41 -11.08
C VAL B 188 13.72 -1.03 -10.72
N LEU B 189 13.69 -1.92 -11.71
CA LEU B 189 13.99 -3.33 -11.48
C LEU B 189 15.26 -3.71 -12.21
N VAL B 190 15.95 -4.73 -11.69
CA VAL B 190 17.25 -5.14 -12.19
C VAL B 190 17.20 -6.60 -12.61
N THR B 191 17.59 -6.87 -13.85
CA THR B 191 17.59 -8.24 -14.36
C THR B 191 18.82 -9.01 -13.91
N GLU B 192 18.78 -10.32 -14.19
CA GLU B 192 19.93 -11.18 -13.90
C GLU B 192 21.20 -10.64 -14.53
N ASN B 193 21.09 -9.99 -15.68
CA ASN B 193 22.24 -9.44 -16.38
C ASN B 193 22.51 -7.97 -16.01
N ASN B 194 21.95 -7.48 -14.90
CA ASN B 194 22.16 -6.11 -14.41
C ASN B 194 21.61 -5.05 -15.35
N VAL B 195 20.54 -5.38 -16.09
CA VAL B 195 19.88 -4.39 -16.94
C VAL B 195 18.87 -3.63 -16.09
N MET B 196 18.96 -2.30 -16.14
CA MET B 196 18.07 -1.44 -15.38
C MET B 196 16.78 -1.24 -16.16
N LYS B 197 15.64 -1.47 -15.51
CA LYS B 197 14.35 -1.39 -16.18
C LYS B 197 13.40 -0.54 -15.35
N ILE B 198 12.93 0.56 -15.94
CA ILE B 198 11.89 1.35 -15.31
C ILE B 198 10.61 0.53 -15.24
N ALA B 199 9.93 0.57 -14.10
CA ALA B 199 8.76 -0.26 -13.83
C ALA B 199 7.69 0.58 -13.13
N ASP B 200 6.60 -0.08 -12.74
CA ASP B 200 5.53 0.52 -11.93
CA ASP B 200 5.55 0.53 -11.92
C ASP B 200 4.90 1.71 -12.65
N PHE B 201 4.23 1.38 -13.75
CA PHE B 201 3.57 2.37 -14.59
C PHE B 201 2.15 2.71 -14.10
N GLY B 202 1.81 2.39 -12.85
CA GLY B 202 0.45 2.60 -12.37
C GLY B 202 0.03 4.06 -12.28
N LEU B 203 0.99 4.99 -12.16
CA LEU B 203 0.69 6.41 -12.07
C LEU B 203 1.01 7.18 -13.34
N ALA B 204 1.54 6.51 -14.36
CA ALA B 204 1.97 7.18 -15.58
C ALA B 204 0.76 7.67 -16.38
N ARG B 205 0.99 8.69 -17.20
CA ARG B 205 -0.04 9.27 -18.05
C ARG B 205 0.52 9.51 -19.44
N VAL B 206 -0.34 9.48 -20.45
CA VAL B 206 0.03 9.92 -21.79
C VAL B 206 -0.48 11.34 -21.96
N ILE B 207 0.41 12.27 -22.32
CA ILE B 207 0.01 13.65 -22.51
C ILE B 207 0.28 14.06 -23.94
N ASN B 208 -0.23 15.24 -24.31
CA ASN B 208 0.07 15.80 -25.62
C ASN B 208 1.23 16.78 -25.47
N ASN B 209 1.03 18.04 -25.82
CA ASN B 209 2.12 19.01 -25.75
C ASN B 209 2.07 19.88 -24.50
N ILE B 210 0.90 20.26 -24.01
CA ILE B 210 0.83 21.19 -22.88
C ILE B 210 0.90 20.41 -21.57
N ASP B 211 1.12 21.14 -20.46
CA ASP B 211 1.20 20.53 -19.14
C ASP B 211 -0.01 19.65 -18.87
N TYR B 212 0.25 18.49 -18.27
CA TYR B 212 -0.80 17.69 -17.68
C TYR B 212 -1.33 18.40 -16.44
N TYR B 213 -2.64 18.51 -16.33
CA TYR B 213 -3.24 19.22 -15.22
C TYR B 213 -4.60 18.61 -14.88
N LYS B 214 -4.73 18.18 -13.64
CA LYS B 214 -6.02 17.87 -13.04
C LYS B 214 -5.90 18.29 -11.58
N LYS B 215 -6.83 19.12 -11.10
CA LYS B 215 -6.79 19.54 -9.72
C LYS B 215 -7.55 18.54 -8.85
N THR B 216 -6.90 18.10 -7.78
CA THR B 216 -7.47 17.15 -6.82
C THR B 216 -7.25 17.68 -5.42
N THR B 217 -7.89 17.01 -4.45
CA THR B 217 -7.74 17.41 -3.05
C THR B 217 -6.32 17.16 -2.55
N ASN B 218 -5.81 15.94 -2.72
CA ASN B 218 -4.44 15.58 -2.37
C ASN B 218 -3.90 14.62 -3.41
N GLY B 219 -2.59 14.73 -3.70
CA GLY B 219 -1.96 13.88 -4.70
C GLY B 219 -1.54 12.51 -4.17
N ARG B 220 -1.31 11.58 -5.11
CA ARG B 220 -0.89 10.22 -4.79
C ARG B 220 0.55 9.93 -5.22
N LEU B 221 1.39 10.99 -5.29
CA LEU B 221 2.79 10.82 -5.66
C LEU B 221 3.68 11.02 -4.45
N PRO B 222 4.70 10.15 -4.26
CA PRO B 222 5.65 10.33 -3.17
C PRO B 222 6.26 11.71 -3.17
N VAL B 223 6.02 12.45 -2.08
CA VAL B 223 6.36 13.87 -2.02
C VAL B 223 7.86 14.10 -2.22
N LYS B 224 8.71 13.22 -1.69
CA LYS B 224 10.14 13.51 -1.75
C LYS B 224 10.72 13.38 -3.16
N TRP B 225 9.95 12.88 -4.12
CA TRP B 225 10.41 12.76 -5.51
C TRP B 225 9.70 13.73 -6.44
N MET B 226 8.77 14.55 -5.94
CA MET B 226 7.93 15.37 -6.80
C MET B 226 8.57 16.72 -7.09
N ALA B 227 8.45 17.15 -8.35
CA ALA B 227 8.87 18.49 -8.72
C ALA B 227 7.96 19.51 -8.05
N PRO B 228 8.48 20.69 -7.71
CA PRO B 228 7.67 21.68 -6.99
C PRO B 228 6.40 22.06 -7.73
N GLU B 229 6.48 22.24 -9.05
CA GLU B 229 5.26 22.61 -9.77
C GLU B 229 4.23 21.49 -9.72
N ALA B 230 4.68 20.23 -9.58
CA ALA B 230 3.73 19.14 -9.36
C ALA B 230 3.14 19.20 -7.96
N LEU B 231 4.00 19.40 -6.97
CA LEU B 231 3.56 19.43 -5.58
C LEU B 231 2.62 20.59 -5.31
N PHE B 232 2.99 21.79 -5.77
CA PHE B 232 2.25 23.00 -5.43
C PHE B 232 1.22 23.41 -6.47
N ASP B 233 1.44 23.11 -7.75
CA ASP B 233 0.56 23.59 -8.81
C ASP B 233 -0.21 22.49 -9.51
N ARG B 234 0.00 21.23 -9.13
CA ARG B 234 -0.70 20.08 -9.72
C ARG B 234 -0.46 19.97 -11.23
N VAL B 235 0.69 20.45 -11.71
CA VAL B 235 1.02 20.37 -13.12
C VAL B 235 2.18 19.40 -13.29
N TYR B 236 2.18 18.71 -14.44
N TYR B 236 2.16 18.69 -14.42
CA TYR B 236 3.21 17.70 -14.66
CA TYR B 236 3.15 17.67 -14.73
C TYR B 236 3.61 17.67 -16.12
C TYR B 236 3.61 17.83 -16.16
N THR B 237 4.93 17.74 -16.38
CA THR B 237 5.50 17.67 -17.73
C THR B 237 6.64 16.66 -17.74
N HIS B 238 7.24 16.44 -18.91
CA HIS B 238 8.47 15.63 -18.92
C HIS B 238 9.54 16.24 -18.05
N GLN B 239 9.53 17.57 -17.90
CA GLN B 239 10.52 18.23 -17.05
C GLN B 239 10.26 17.96 -15.56
N SER B 240 9.02 17.62 -15.17
CA SER B 240 8.81 17.16 -13.79
C SER B 240 9.45 15.79 -13.55
N ASP B 241 9.33 14.89 -14.53
CA ASP B 241 10.06 13.62 -14.50
C ASP B 241 11.57 13.85 -14.41
N VAL B 242 12.08 14.89 -15.08
CA VAL B 242 13.51 15.19 -14.98
C VAL B 242 13.89 15.52 -13.54
N TRP B 243 13.07 16.32 -12.85
CA TRP B 243 13.32 16.55 -11.42
C TRP B 243 13.42 15.22 -10.66
N SER B 244 12.42 14.36 -10.84
CA SER B 244 12.43 13.05 -10.18
C SER B 244 13.69 12.27 -10.53
N PHE B 245 14.15 12.38 -11.78
CA PHE B 245 15.36 11.69 -12.17
C PHE B 245 16.55 12.16 -11.34
N GLY B 246 16.58 13.45 -11.03
CA GLY B 246 17.65 13.96 -10.17
C GLY B 246 17.60 13.36 -8.78
N VAL B 247 16.39 13.17 -8.24
CA VAL B 247 16.28 12.47 -6.97
C VAL B 247 16.79 11.04 -7.12
N LEU B 248 16.41 10.38 -8.21
CA LEU B 248 16.86 9.01 -8.48
C LEU B 248 18.39 8.93 -8.53
N MET B 249 19.03 9.87 -9.25
CA MET B 249 20.49 9.96 -9.23
C MET B 249 21.02 10.02 -7.81
N TRP B 250 20.38 10.82 -6.97
CA TRP B 250 20.86 10.95 -5.59
C TRP B 250 20.74 9.61 -4.87
N GLU B 251 19.62 8.90 -5.09
CA GLU B 251 19.48 7.56 -4.53
C GLU B 251 20.56 6.63 -5.05
N ILE B 252 20.88 6.73 -6.33
CA ILE B 252 21.87 5.82 -6.90
C ILE B 252 23.23 6.05 -6.27
N PHE B 253 23.66 7.31 -6.20
CA PHE B 253 25.02 7.56 -5.72
C PHE B 253 25.14 7.54 -4.20
N THR B 254 24.02 7.55 -3.47
CA THR B 254 24.06 7.19 -2.06
C THR B 254 23.84 5.70 -1.84
N LEU B 255 23.84 4.90 -2.91
CA LEU B 255 23.66 3.47 -2.81
C LEU B 255 22.35 3.13 -2.10
N GLY B 256 21.29 3.82 -2.48
CA GLY B 256 19.98 3.53 -1.92
C GLY B 256 19.61 4.34 -0.71
N GLY B 257 20.19 5.52 -0.54
CA GLY B 257 19.84 6.34 0.60
C GLY B 257 18.44 6.89 0.47
N SER B 258 17.97 7.35 1.56
CA SER B 258 16.66 7.96 1.66
C SER B 258 16.76 9.47 1.41
N PRO B 259 15.95 10.02 0.51
CA PRO B 259 16.08 11.45 0.16
C PRO B 259 15.70 12.36 1.33
N TYR B 260 16.26 13.58 1.27
CA TYR B 260 16.14 14.59 2.32
C TYR B 260 16.29 13.93 3.69
N PRO B 261 17.47 13.37 3.98
CA PRO B 261 17.62 12.57 5.21
C PRO B 261 17.33 13.38 6.46
N GLY B 262 16.49 12.82 7.33
CA GLY B 262 16.12 13.46 8.57
C GLY B 262 15.13 14.60 8.41
N ILE B 263 14.64 14.87 7.20
CA ILE B 263 13.61 15.87 6.98
C ILE B 263 12.29 15.11 6.73
N PRO B 264 11.31 15.25 7.61
CA PRO B 264 10.03 14.57 7.36
C PRO B 264 9.29 15.23 6.21
N VAL B 265 8.50 14.40 5.51
CA VAL B 265 7.66 14.90 4.43
C VAL B 265 6.88 16.13 4.89
N GLU B 266 6.42 16.11 6.14
CA GLU B 266 5.63 17.22 6.66
C GLU B 266 6.36 18.55 6.56
N GLU B 267 7.69 18.55 6.71
CA GLU B 267 8.44 19.79 6.71
C GLU B 267 9.01 20.16 5.34
N LEU B 268 8.96 19.24 4.37
CA LEU B 268 9.57 19.52 3.08
C LEU B 268 8.76 20.51 2.25
N PHE B 269 7.43 20.51 2.38
CA PHE B 269 6.62 21.50 1.68
C PHE B 269 7.22 22.89 1.85
N LYS B 270 7.47 23.28 3.10
CA LYS B 270 8.00 24.62 3.37
C LYS B 270 9.41 24.78 2.82
N LEU B 271 10.26 23.77 3.04
CA LEU B 271 11.67 23.89 2.65
C LEU B 271 11.82 23.95 1.13
N LEU B 272 11.01 23.20 0.40
CA LEU B 272 11.09 23.26 -1.05
C LEU B 272 10.69 24.63 -1.55
N LYS B 273 9.59 25.18 -1.02
CA LYS B 273 9.16 26.49 -1.46
C LYS B 273 10.25 27.53 -1.24
N GLU B 274 11.06 27.38 -0.20
CA GLU B 274 12.14 28.30 0.11
C GLU B 274 13.46 27.96 -0.58
N GLY B 275 13.46 26.97 -1.48
CA GLY B 275 14.62 26.69 -2.31
C GLY B 275 15.62 25.69 -1.76
N HIS B 276 15.22 24.85 -0.80
CA HIS B 276 16.15 23.87 -0.26
C HIS B 276 16.48 22.82 -1.32
N ARG B 277 17.72 22.33 -1.30
CA ARG B 277 18.16 21.26 -2.19
C ARG B 277 19.07 20.31 -1.41
N MET B 278 19.10 19.04 -1.85
CA MET B 278 19.93 18.06 -1.17
C MET B 278 21.42 18.34 -1.41
N ASP B 279 22.23 17.95 -0.42
CA ASP B 279 23.69 18.00 -0.49
C ASP B 279 24.22 16.95 -1.48
N LYS B 280 25.51 17.05 -1.80
CA LYS B 280 26.15 16.13 -2.74
C LYS B 280 26.44 14.80 -2.05
N PRO B 281 26.05 13.67 -2.63
CA PRO B 281 26.45 12.38 -2.06
C PRO B 281 27.98 12.26 -2.03
N ALA B 282 28.47 11.38 -1.15
CA ALA B 282 29.91 11.21 -1.00
C ALA B 282 30.54 10.70 -2.29
N ASN B 283 30.03 9.58 -2.84
CA ASN B 283 30.59 8.90 -4.00
C ASN B 283 30.21 9.55 -5.33
N CYS B 284 29.65 10.73 -5.31
CA CYS B 284 29.26 11.47 -6.50
C CYS B 284 30.34 12.49 -6.86
N THR B 285 30.64 12.61 -8.16
CA THR B 285 31.56 13.65 -8.63
C THR B 285 30.88 15.02 -8.59
N ASN B 286 31.68 16.08 -8.56
CA ASN B 286 31.05 17.39 -8.65
C ASN B 286 30.35 17.58 -9.99
N GLU B 287 30.83 16.89 -11.03
CA GLU B 287 30.18 16.97 -12.33
C GLU B 287 28.76 16.38 -12.29
N LEU B 288 28.63 15.19 -11.70
CA LEU B 288 27.34 14.55 -11.59
C LEU B 288 26.44 15.26 -10.58
N TYR B 289 27.02 15.95 -9.60
CA TYR B 289 26.19 16.74 -8.68
C TYR B 289 25.64 17.97 -9.38
N MET B 290 26.46 18.65 -10.20
CA MET B 290 25.93 19.73 -11.01
C MET B 290 24.78 19.24 -11.88
N MET B 291 24.88 18.01 -12.39
CA MET B 291 23.79 17.43 -13.14
C MET B 291 22.53 17.27 -12.28
N MET B 292 22.67 16.74 -11.06
CA MET B 292 21.51 16.69 -10.17
C MET B 292 20.91 18.07 -9.98
N ARG B 293 21.74 19.05 -9.63
CA ARG B 293 21.24 20.38 -9.33
C ARG B 293 20.56 21.01 -10.53
N ASP B 294 21.05 20.74 -11.74
CA ASP B 294 20.37 21.17 -12.97
C ASP B 294 18.98 20.54 -13.07
N CYS B 295 18.86 19.24 -12.78
CA CYS B 295 17.54 18.60 -12.76
C CYS B 295 16.63 19.24 -11.73
N TRP B 296 17.18 19.85 -10.68
CA TRP B 296 16.38 20.48 -9.64
C TRP B 296 16.21 21.98 -9.86
N HIS B 297 16.36 22.45 -11.10
CA HIS B 297 16.15 23.85 -11.38
C HIS B 297 14.72 24.23 -11.03
N ALA B 298 14.54 25.39 -10.40
CA ALA B 298 13.19 25.79 -10.03
C ALA B 298 12.31 25.94 -11.26
N VAL B 299 12.88 26.39 -12.38
CA VAL B 299 12.12 26.66 -13.60
C VAL B 299 12.17 25.40 -14.47
N PRO B 300 11.03 24.74 -14.72
CA PRO B 300 11.08 23.46 -15.45
C PRO B 300 11.78 23.55 -16.80
N SER B 301 11.50 24.59 -17.58
CA SER B 301 12.14 24.74 -18.88
C SER B 301 13.65 24.92 -18.79
N GLN B 302 14.21 25.16 -17.60
CA GLN B 302 15.66 25.33 -17.50
C GLN B 302 16.37 24.06 -17.09
N ARG B 303 15.64 23.03 -16.67
CA ARG B 303 16.22 21.72 -16.42
C ARG B 303 16.64 21.10 -17.75
N PRO B 304 17.62 20.21 -17.74
CA PRO B 304 17.95 19.44 -18.95
C PRO B 304 16.77 18.60 -19.42
N THR B 305 16.80 18.25 -20.70
CA THR B 305 15.90 17.22 -21.20
C THR B 305 16.56 15.87 -21.05
N PHE B 306 15.75 14.81 -21.13
CA PHE B 306 16.35 13.49 -21.03
C PHE B 306 17.30 13.23 -22.19
N LYS B 307 17.01 13.76 -23.38
CA LYS B 307 17.95 13.63 -24.50
C LYS B 307 19.31 14.24 -24.13
N GLN B 308 19.30 15.41 -23.49
CA GLN B 308 20.55 16.06 -23.06
C GLN B 308 21.24 15.23 -21.97
N LEU B 309 20.49 14.72 -21.00
CA LEU B 309 21.12 13.91 -19.95
C LEU B 309 21.79 12.68 -20.54
N VAL B 310 21.16 12.03 -21.53
CA VAL B 310 21.76 10.84 -22.14
C VAL B 310 23.06 11.21 -22.84
N GLU B 311 23.08 12.35 -23.52
CA GLU B 311 24.29 12.80 -24.19
C GLU B 311 25.40 13.07 -23.18
N ASP B 312 25.08 13.80 -22.11
CA ASP B 312 26.08 14.07 -21.08
C ASP B 312 26.54 12.78 -20.43
N LEU B 313 25.60 11.87 -20.13
CA LEU B 313 25.99 10.62 -19.49
C LEU B 313 26.77 9.73 -20.44
N ASP B 314 26.45 9.75 -21.72
CA ASP B 314 27.24 9.01 -22.69
C ASP B 314 28.71 9.43 -22.60
N ARG B 315 28.96 10.74 -22.58
CA ARG B 315 30.32 11.27 -22.52
C ARG B 315 31.03 10.84 -21.24
N ILE B 316 30.37 11.04 -20.09
CA ILE B 316 30.97 10.65 -18.81
C ILE B 316 31.29 9.17 -18.80
N LEU B 317 30.37 8.35 -19.32
CA LEU B 317 30.57 6.92 -19.19
C LEU B 317 31.69 6.42 -20.09
N THR B 318 31.86 7.02 -21.27
CA THR B 318 32.94 6.59 -22.16
C THR B 318 34.30 6.95 -21.60
N LEU B 319 34.37 7.99 -20.76
CA LEU B 319 35.62 8.47 -20.18
C LEU B 319 35.99 7.74 -18.89
N THR B 320 35.42 6.56 -18.64
CA THR B 320 35.76 5.79 -17.45
C THR B 320 36.63 4.57 -17.80
S SO4 C . -15.30 6.15 0.09
O1 SO4 C . -16.10 6.70 1.18
O2 SO4 C . -16.12 5.21 -0.70
O3 SO4 C . -14.87 7.25 -0.77
O4 SO4 C . -14.14 5.45 0.63
PG ANP D . -5.19 -2.63 6.22
O1G ANP D . -6.42 -3.51 6.52
O2G ANP D . -4.51 -3.20 4.95
O3G ANP D . -5.65 -1.22 5.93
PB ANP D . -2.85 -1.61 7.58
O1B ANP D . -2.01 -1.66 6.25
O2B ANP D . -3.36 -0.19 7.79
N3B ANP D . -4.13 -2.70 7.52
PA ANP D . -1.18 -0.98 9.81
O1A ANP D . -2.26 -0.34 10.66
O2A ANP D . -0.42 0.10 9.08
O3A ANP D . -1.86 -2.02 8.81
O5' ANP D . -0.17 -1.78 10.73
C5' ANP D . 0.54 -2.86 10.22
C4' ANP D . 0.97 -3.73 11.29
O4' ANP D . 1.64 -2.93 12.32
C3' ANP D . -0.15 -4.38 11.98
O3' ANP D . -0.59 -5.57 11.34
C2' ANP D . 0.35 -4.66 13.29
O2' ANP D . 1.11 -5.88 13.35
C1' ANP D . 1.22 -3.54 13.59
N9 ANP D . 0.46 -2.66 14.40
C8 ANP D . -0.41 -1.70 14.00
N7 ANP D . -0.94 -1.09 15.05
C5 ANP D . -0.39 -1.64 16.17
C6 ANP D . -0.56 -1.40 17.55
N6 ANP D . -1.47 -0.38 18.02
N1 ANP D . 0.15 -2.12 18.41
C2 ANP D . 1.00 -3.09 18.02
N3 ANP D . 1.18 -3.36 16.70
C4 ANP D . 0.49 -2.65 15.78
S SO4 E . -4.21 12.19 -11.00
O1 SO4 E . -5.18 12.89 -10.17
O2 SO4 E . -4.91 11.24 -11.90
O3 SO4 E . -3.50 13.15 -11.82
O4 SO4 E . -3.26 11.45 -10.16
PG ANP F . 5.27 1.40 -5.26
O1G ANP F . 4.69 1.93 -6.61
O2G ANP F . 4.73 2.27 -4.10
O3G ANP F . 6.77 1.51 -5.27
PB ANP F . 5.61 -1.46 -5.59
O1B ANP F . 6.06 -2.34 -4.37
O2B ANP F . 6.83 -1.04 -6.39
N3B ANP F . 4.72 -0.16 -5.00
PA ANP F . 5.33 -3.78 -7.01
O1A ANP F . 4.28 -4.53 -7.77
O2A ANP F . 6.53 -3.44 -7.87
O3A ANP F . 4.69 -2.42 -6.48
O5' ANP F . 5.80 -4.67 -5.79
C5' ANP F . 5.93 -6.04 -5.96
C4' ANP F . 7.17 -6.59 -5.42
O4' ANP F . 7.60 -7.71 -6.26
C3' ANP F . 8.27 -5.64 -5.41
O3' ANP F . 9.08 -5.88 -4.28
C2' ANP F . 9.05 -5.88 -6.57
O2' ANP F . 10.43 -5.81 -6.23
C1' ANP F . 8.77 -7.23 -7.01
N9 ANP F . 8.56 -7.18 -8.41
C8 ANP F . 7.68 -6.42 -9.08
N7 ANP F . 7.79 -6.63 -10.38
C5 ANP F . 8.78 -7.55 -10.59
C6 ANP F . 9.33 -8.16 -11.73
N6 ANP F . 8.81 -7.79 -13.04
N1 ANP F . 10.31 -9.05 -11.60
C2 ANP F . 10.79 -9.40 -10.39
N3 ANP F . 10.29 -8.83 -9.24
C4 ANP F . 9.29 -7.92 -9.33
#